data_1EAU
#
_entry.id   1EAU
#
_cell.length_a   50.850
_cell.length_b   58.310
_cell.length_c   75.660
_cell.angle_alpha   90.00
_cell.angle_beta   90.00
_cell.angle_gamma   90.00
#
_symmetry.space_group_name_H-M   'P 21 21 21'
#
loop_
_entity.id
_entity.type
_entity.pdbx_description
1 polymer 'PORCINE PANCREATIC ELASTASE'
2 non-polymer 'SODIUM ION'
3 non-polymer 'SULFATE ION'
4 non-polymer '2-[5-AMINO-6-OXO-2-(2-THIENYL)-1,6-DIHYDROPYRIMIDIN-1-YL)-N-[3,3-DIFLUORO -1-ISOPROPYL-2-OXO-3-(N-(2-MORPHOLINO ETHYL)CARBAMOYL]PROPYL]ACETAMIDE'
5 water water
#
_entity_poly.entity_id   1
_entity_poly.type   'polypeptide(L)'
_entity_poly.pdbx_seq_one_letter_code
;VVGGTEAQRNSWPSQISLQYRSGSSWAHTCGGTLIRQNWVMTAAHCVDRELTFRVVVGEHNLNQNNGTEQYVGVQKIVVH
PYWNTDDVAAGYDIALLRLAQSVTLNSYVQLGVLPRAGTILANNSPCYITGWGLTRTNGQLAQTLQQAYLPTVDYAICSS
SSYWGSTVKNSMVCAGGDGVRSGCQGDSGGPLHCLVNGQYAVHGVTSFVSRLGCNVTRKPTVFTRVSAYISWINNVIASN
;
_entity_poly.pdbx_strand_id   A
#
# COMPACT_ATOMS: atom_id res chain seq x y z
N VAL A 1 10.89 -1.07 2.32
CA VAL A 1 11.27 -0.84 0.89
C VAL A 1 12.76 -1.14 0.79
N VAL A 2 13.12 -2.03 -0.11
CA VAL A 2 14.50 -2.36 -0.31
C VAL A 2 14.95 -1.53 -1.52
N GLY A 3 16.16 -0.99 -1.46
CA GLY A 3 16.67 -0.21 -2.57
C GLY A 3 16.04 1.17 -2.64
N GLY A 4 15.52 1.64 -1.51
CA GLY A 4 14.88 2.94 -1.49
C GLY A 4 15.77 4.08 -1.01
N THR A 5 15.21 5.28 -1.11
CA THR A 5 15.87 6.49 -0.67
C THR A 5 14.85 7.19 0.21
N GLU A 6 15.30 8.03 1.12
CA GLU A 6 14.39 8.71 2.01
C GLU A 6 13.51 9.67 1.24
N ALA A 7 12.21 9.61 1.52
CA ALA A 7 11.25 10.47 0.84
C ALA A 7 11.22 11.83 1.55
N GLN A 8 10.99 12.88 0.78
CA GLN A 8 10.89 14.19 1.35
C GLN A 8 9.57 14.25 2.13
N ARG A 9 9.52 15.06 3.18
CA ARG A 9 8.34 15.19 4.05
C ARG A 9 6.98 15.44 3.44
N ASN A 10 6.94 16.19 2.35
CA ASN A 10 5.68 16.53 1.73
C ASN A 10 5.48 15.94 0.34
N SER A 11 6.16 14.84 0.03
CA SER A 11 6.04 14.24 -1.29
C SER A 11 4.83 13.35 -1.53
N TRP A 12 4.46 12.57 -0.52
CA TRP A 12 3.36 11.62 -0.62
C TRP A 12 2.49 11.75 0.60
N PRO A 13 1.73 12.84 0.71
CA PRO A 13 0.87 13.10 1.84
C PRO A 13 -0.36 12.21 2.10
N SER A 14 -0.66 11.28 1.18
CA SER A 14 -1.79 10.36 1.37
C SER A 14 -1.38 9.07 2.09
N GLN A 15 -0.06 8.86 2.22
CA GLN A 15 0.48 7.69 2.89
C GLN A 15 0.17 7.69 4.38
N ILE A 16 -0.23 6.55 4.91
CA ILE A 16 -0.53 6.46 6.32
C ILE A 16 0.18 5.25 6.92
N SER A 17 0.29 5.25 8.23
CA SER A 17 0.92 4.16 8.95
C SER A 17 -0.20 3.50 9.76
N LEU A 18 -0.40 2.21 9.54
CA LEU A 18 -1.41 1.45 10.26
C LEU A 18 -0.68 0.79 11.43
N GLN A 19 -1.09 1.11 12.65
CA GLN A 19 -0.45 0.58 13.84
C GLN A 19 -1.43 -0.11 14.74
N TYR A 20 -0.99 -1.18 15.37
CA TYR A 20 -1.85 -1.89 16.31
C TYR A 20 -1.17 -1.79 17.65
N ARG A 21 -1.94 -1.96 18.72
CA ARG A 21 -1.34 -1.87 20.04
C ARG A 21 -0.65 -3.14 20.51
N SER A 22 0.59 -2.97 20.96
CA SER A 22 1.39 -4.07 21.48
C SER A 22 1.99 -3.60 22.82
N GLY A 23 1.49 -4.17 23.91
CA GLY A 23 1.94 -3.79 25.24
C GLY A 23 1.35 -2.44 25.61
N SER A 24 2.22 -1.48 25.88
CA SER A 24 1.80 -0.11 26.24
C SER A 24 1.97 0.80 25.00
N SER A 25 2.70 0.29 24.02
CA SER A 25 3.00 1.01 22.80
C SER A 25 2.23 0.46 21.61
N TRP A 26 2.39 1.10 20.46
CA TRP A 26 1.73 0.71 19.22
C TRP A 26 2.86 0.37 18.29
N ALA A 27 2.65 -0.57 17.38
CA ALA A 27 3.69 -0.93 16.44
C ALA A 27 3.22 -0.90 15.00
N HIS A 28 4.04 -0.31 14.13
CA HIS A 28 3.73 -0.24 12.71
C HIS A 28 3.62 -1.65 12.14
N THR A 29 2.54 -1.91 11.41
CA THR A 29 2.40 -3.21 10.79
C THR A 29 2.15 -3.15 9.26
N CYS A 30 1.55 -2.05 8.79
CA CYS A 30 1.21 -1.86 7.39
C CYS A 30 1.12 -0.40 6.99
N GLY A 31 1.09 -0.13 5.70
CA GLY A 31 0.92 1.23 5.25
C GLY A 31 -0.54 1.32 4.82
N GLY A 32 -0.91 2.41 4.14
CA GLY A 32 -2.27 2.60 3.67
C GLY A 32 -2.37 3.91 2.90
N THR A 33 -3.54 4.22 2.32
CA THR A 33 -3.79 5.47 1.58
C THR A 33 -5.06 6.16 2.08
N LEU A 34 -4.96 7.44 2.42
CA LEU A 34 -6.13 8.22 2.86
C LEU A 34 -6.91 8.52 1.58
N ILE A 35 -8.17 8.09 1.50
CA ILE A 35 -8.96 8.33 0.30
C ILE A 35 -10.13 9.23 0.58
N ARG A 36 -10.44 9.41 1.86
CA ARG A 36 -11.51 10.30 2.32
C ARG A 36 -10.97 10.79 3.62
N GLN A 37 -11.45 11.93 4.10
CA GLN A 37 -10.98 12.46 5.37
C GLN A 37 -11.18 11.48 6.53
N ASN A 38 -12.04 10.47 6.33
CA ASN A 38 -12.31 9.48 7.35
C ASN A 38 -12.33 8.06 6.85
N TRP A 39 -11.69 7.81 5.70
CA TRP A 39 -11.60 6.49 5.09
C TRP A 39 -10.18 6.20 4.62
N VAL A 40 -9.68 5.02 4.95
CA VAL A 40 -8.35 4.61 4.55
C VAL A 40 -8.47 3.30 3.76
N MET A 41 -7.65 3.16 2.72
CA MET A 41 -7.62 1.97 1.90
C MET A 41 -6.30 1.25 2.22
N THR A 42 -6.39 -0.04 2.52
CA THR A 42 -5.23 -0.83 2.86
C THR A 42 -5.44 -2.25 2.33
N ALA A 43 -4.55 -3.17 2.69
CA ALA A 43 -4.65 -4.56 2.25
C ALA A 43 -5.48 -5.36 3.26
N ALA A 44 -6.30 -6.28 2.74
CA ALA A 44 -7.14 -7.10 3.60
C ALA A 44 -6.31 -7.86 4.62
N HIS A 45 -5.18 -8.41 4.18
CA HIS A 45 -4.31 -9.19 5.06
C HIS A 45 -3.66 -8.41 6.20
N CYS A 46 -3.79 -7.09 6.18
CA CYS A 46 -3.24 -6.29 7.25
C CYS A 46 -4.19 -6.28 8.45
N VAL A 47 -5.48 -6.30 8.16
CA VAL A 47 -6.49 -6.23 9.21
C VAL A 47 -7.27 -7.52 9.51
N ASP A 48 -6.65 -8.63 9.17
CA ASP A 48 -7.22 -9.94 9.42
C ASP A 48 -7.22 -10.23 10.92
N ARG A 49 -6.14 -9.87 11.60
CA ARG A 49 -6.04 -10.13 13.03
C ARG A 49 -6.95 -9.28 13.92
N GLU A 50 -7.47 -9.92 14.96
CA GLU A 50 -8.34 -9.26 15.93
C GLU A 50 -7.47 -8.39 16.82
N LEU A 51 -6.91 -7.31 16.28
CA LEU A 51 -6.04 -6.42 17.05
C LEU A 51 -6.72 -5.06 17.16
N THR A 52 -6.20 -4.18 18.02
CA THR A 52 -6.76 -2.83 18.11
C THR A 52 -5.84 -2.03 17.14
N PHE A 53 -6.43 -1.31 16.19
CA PHE A 53 -5.63 -0.55 15.21
C PHE A 53 -5.82 0.95 15.34
N ARG A 54 -4.83 1.71 14.88
CA ARG A 54 -4.90 3.16 14.83
C ARG A 54 -4.18 3.59 13.55
N VAL A 55 -4.58 4.74 13.02
CA VAL A 55 -4.00 5.28 11.82
C VAL A 55 -3.22 6.54 12.19
N VAL A 56 -2.01 6.66 11.69
CA VAL A 56 -1.23 7.87 11.96
C VAL A 56 -1.01 8.55 10.63
N VAL A 57 -1.54 9.75 10.47
CA VAL A 57 -1.35 10.53 9.24
C VAL A 57 -0.35 11.67 9.49
N GLY A 58 0.34 12.11 8.44
CA GLY A 58 1.31 13.19 8.59
C GLY A 58 2.59 12.69 9.23
N GLU A 59 2.80 11.39 9.10
CA GLU A 59 3.94 10.70 9.67
C GLU A 59 5.14 10.66 8.72
N HIS A 60 6.33 10.92 9.24
CA HIS A 60 7.54 10.83 8.44
C HIS A 60 8.58 9.93 9.10
N ASN A 61 8.87 10.17 10.38
CA ASN A 61 9.83 9.34 11.13
C ASN A 61 8.99 8.61 12.18
N LEU A 62 9.07 7.29 12.21
CA LEU A 62 8.26 6.53 13.17
C LEU A 62 8.61 6.76 14.62
N ASN A 63 9.90 6.88 14.90
CA ASN A 63 10.32 7.04 16.28
C ASN A 63 10.83 8.40 16.65
N GLN A 64 10.15 9.45 16.22
CA GLN A 64 10.54 10.82 16.54
C GLN A 64 9.44 11.79 16.23
N ASN A 65 9.23 12.78 17.09
CA ASN A 65 8.20 13.76 16.83
C ASN A 65 8.53 14.64 15.61
N ASN A 66 7.62 14.61 14.63
CA ASN A 66 7.75 15.39 13.41
C ASN A 66 6.97 16.70 13.59
N GLY A 67 6.09 16.74 14.59
CA GLY A 67 5.29 17.92 14.81
C GLY A 67 4.19 18.05 13.77
N THR A 68 3.87 16.98 13.04
CA THR A 68 2.83 17.07 12.02
C THR A 68 1.85 15.88 12.04
N GLU A 69 2.00 14.99 13.00
CA GLU A 69 1.17 13.79 13.01
C GLU A 69 -0.21 14.00 13.60
N GLN A 70 -1.17 13.20 13.15
CA GLN A 70 -2.53 13.20 13.71
C GLN A 70 -2.78 11.70 13.89
N TYR A 71 -3.22 11.31 15.08
CA TYR A 71 -3.47 9.91 15.40
C TYR A 71 -4.97 9.69 15.51
N VAL A 72 -5.53 8.83 14.66
CA VAL A 72 -6.97 8.56 14.66
C VAL A 72 -7.24 7.09 14.88
N GLY A 73 -8.34 6.77 15.56
CA GLY A 73 -8.69 5.38 15.79
C GLY A 73 -9.48 4.81 14.63
N VAL A 74 -9.52 3.48 14.52
CA VAL A 74 -10.25 2.82 13.46
C VAL A 74 -11.59 2.34 14.02
N GLN A 75 -12.70 2.89 13.53
CA GLN A 75 -13.98 2.47 14.05
C GLN A 75 -14.78 1.45 13.24
N LYS A 76 -14.34 1.14 12.03
CA LYS A 76 -15.04 0.14 11.21
C LYS A 76 -14.09 -0.40 10.17
N ILE A 77 -14.02 -1.72 10.05
CA ILE A 77 -13.16 -2.35 9.07
C ILE A 77 -14.10 -3.10 8.13
N VAL A 78 -13.94 -2.88 6.83
CA VAL A 78 -14.75 -3.53 5.82
C VAL A 78 -13.82 -4.23 4.82
N VAL A 79 -13.59 -5.51 5.04
CA VAL A 79 -12.72 -6.31 4.18
C VAL A 79 -13.53 -6.74 2.95
N HIS A 80 -12.85 -6.99 1.83
CA HIS A 80 -13.57 -7.41 0.63
C HIS A 80 -14.24 -8.78 0.87
N PRO A 81 -15.55 -8.92 0.53
CA PRO A 81 -16.34 -10.15 0.70
C PRO A 81 -15.68 -11.42 0.17
N TYR A 82 -14.93 -11.30 -0.91
CA TYR A 82 -14.27 -12.46 -1.50
C TYR A 82 -12.86 -12.74 -0.99
N TRP A 83 -12.36 -11.95 -0.06
CA TRP A 83 -11.01 -12.17 0.46
C TRP A 83 -10.97 -13.50 1.20
N ASN A 84 -9.87 -14.22 1.01
CA ASN A 84 -9.70 -15.53 1.64
C ASN A 84 -8.37 -15.48 2.39
N THR A 85 -8.45 -15.40 3.71
CA THR A 85 -7.29 -15.34 4.61
C THR A 85 -6.06 -16.10 4.11
N ASP A 86 -6.26 -17.40 3.90
CA ASP A 86 -5.20 -18.28 3.41
C ASP A 86 -5.08 -18.12 1.89
N ASP A 87 -4.97 -16.88 1.41
CA ASP A 87 -4.94 -16.72 -0.03
C ASP A 87 -4.60 -15.37 -0.61
N VAL A 88 -3.35 -14.98 -0.50
CA VAL A 88 -2.93 -13.72 -1.08
C VAL A 88 -2.99 -13.88 -2.61
N ALA A 89 -2.64 -15.07 -3.10
CA ALA A 89 -2.65 -15.37 -4.53
C ALA A 89 -4.01 -15.38 -5.24
N ALA A 90 -5.10 -15.47 -4.49
CA ALA A 90 -6.43 -15.47 -5.07
C ALA A 90 -6.89 -14.03 -5.35
N GLY A 91 -6.33 -13.09 -4.58
CA GLY A 91 -6.69 -11.69 -4.75
C GLY A 91 -7.67 -11.18 -3.72
N TYR A 92 -8.34 -10.09 -4.07
CA TYR A 92 -9.32 -9.43 -3.22
C TYR A 92 -8.66 -8.91 -1.95
N ASP A 93 -7.35 -8.70 -2.02
CA ASP A 93 -6.57 -8.21 -0.90
C ASP A 93 -6.77 -6.72 -0.76
N ILE A 94 -7.95 -6.31 -0.33
CA ILE A 94 -8.26 -4.90 -0.17
C ILE A 94 -9.25 -4.76 0.96
N ALA A 95 -9.11 -3.69 1.73
CA ALA A 95 -9.97 -3.43 2.87
C ALA A 95 -10.08 -1.91 3.10
N LEU A 96 -11.25 -1.45 3.52
CA LEU A 96 -11.48 -0.05 3.79
C LEU A 96 -11.69 0.13 5.30
N LEU A 97 -11.05 1.13 5.87
CA LEU A 97 -11.18 1.37 7.30
C LEU A 97 -11.80 2.71 7.54
N ARG A 98 -12.88 2.73 8.33
CA ARG A 98 -13.55 3.96 8.70
C ARG A 98 -12.88 4.51 9.97
N LEU A 99 -12.44 5.74 9.90
CA LEU A 99 -11.79 6.37 11.03
C LEU A 99 -12.85 6.91 11.96
N ALA A 100 -12.48 6.96 13.23
CA ALA A 100 -13.35 7.45 14.28
C ALA A 100 -13.62 8.95 14.12
N GLN A 101 -12.72 9.64 13.44
CA GLN A 101 -12.87 11.06 13.27
C GLN A 101 -12.26 11.47 11.95
N SER A 102 -12.73 12.59 11.42
CA SER A 102 -12.20 13.11 10.16
C SER A 102 -10.85 13.77 10.45
N VAL A 103 -9.85 13.50 9.61
CA VAL A 103 -8.53 14.11 9.80
C VAL A 103 -8.57 15.48 9.11
N THR A 104 -7.64 16.34 9.49
CA THR A 104 -7.54 17.68 8.93
C THR A 104 -6.51 17.66 7.82
N LEU A 105 -6.86 18.18 6.67
CA LEU A 105 -5.93 18.18 5.57
C LEU A 105 -5.07 19.43 5.59
N ASN A 106 -3.81 19.24 5.24
CA ASN A 106 -2.81 20.32 5.14
C ASN A 106 -1.80 19.79 4.14
N SER A 107 -0.56 20.28 4.14
CA SER A 107 0.40 19.80 3.14
C SER A 107 1.00 18.42 3.42
N TYR A 108 0.88 17.96 4.66
CA TYR A 108 1.42 16.67 5.02
C TYR A 108 0.32 15.60 5.00
N VAL A 109 -0.93 16.05 4.90
CA VAL A 109 -2.10 15.20 4.91
C VAL A 109 -3.08 15.55 3.79
N GLN A 110 -3.04 14.77 2.71
CA GLN A 110 -3.93 15.00 1.57
C GLN A 110 -4.53 13.66 1.13
N LEU A 111 -5.62 13.71 0.37
CA LEU A 111 -6.24 12.49 -0.13
C LEU A 111 -5.52 12.02 -1.39
N GLY A 112 -5.28 10.72 -1.51
CA GLY A 112 -4.63 10.17 -2.68
C GLY A 112 -5.66 10.14 -3.78
N VAL A 113 -5.25 10.34 -5.02
CA VAL A 113 -6.23 10.33 -6.09
C VAL A 113 -6.32 8.93 -6.70
N LEU A 114 -7.53 8.43 -6.90
CA LEU A 114 -7.71 7.10 -7.46
C LEU A 114 -7.96 7.14 -8.95
N PRO A 115 -7.56 6.07 -9.66
CA PRO A 115 -7.76 6.00 -11.09
C PRO A 115 -9.20 5.69 -11.51
N ARG A 116 -9.51 5.92 -12.76
CA ARG A 116 -10.84 5.62 -13.31
C ARG A 116 -10.92 4.09 -13.36
N ALA A 117 -12.12 3.56 -13.21
CA ALA A 117 -12.38 2.13 -13.26
C ALA A 117 -11.90 1.47 -14.56
N GLY A 118 -11.22 0.33 -14.47
CA GLY A 118 -10.78 -0.36 -15.67
C GLY A 118 -9.48 0.14 -16.25
N THR A 119 -8.90 1.17 -15.65
CA THR A 119 -7.64 1.71 -16.16
C THR A 119 -6.47 0.74 -15.97
N ILE A 120 -5.85 0.36 -17.07
CA ILE A 120 -4.70 -0.56 -17.08
C ILE A 120 -3.48 0.25 -17.57
N LEU A 121 -2.35 0.15 -16.87
CA LEU A 121 -1.12 0.88 -17.25
C LEU A 121 -0.27 0.10 -18.24
N ALA A 122 0.34 0.84 -19.16
CA ALA A 122 1.21 0.29 -20.18
C ALA A 122 2.48 -0.21 -19.49
N ASN A 123 3.12 -1.17 -20.12
CA ASN A 123 4.33 -1.75 -19.57
C ASN A 123 5.37 -0.70 -19.30
N ASN A 124 6.08 -0.89 -18.20
CA ASN A 124 7.11 0.03 -17.80
C ASN A 124 6.64 1.45 -17.52
N SER A 125 5.44 1.60 -16.94
CA SER A 125 4.94 2.92 -16.59
C SER A 125 5.68 3.31 -15.33
N PRO A 126 5.97 4.61 -15.14
CA PRO A 126 6.70 5.18 -14.00
C PRO A 126 5.88 5.28 -12.71
N CYS A 127 6.27 4.47 -11.72
CA CYS A 127 5.58 4.44 -10.44
C CYS A 127 6.61 4.44 -9.32
N TYR A 128 6.16 4.79 -8.11
CA TYR A 128 7.01 4.81 -6.93
C TYR A 128 6.27 4.06 -5.83
N ILE A 129 6.95 3.18 -5.12
CA ILE A 129 6.30 2.52 -4.00
C ILE A 129 6.86 3.27 -2.77
N THR A 130 6.02 3.49 -1.77
CA THR A 130 6.46 4.15 -0.55
C THR A 130 6.10 3.31 0.68
N GLY A 131 6.90 3.44 1.75
CA GLY A 131 6.62 2.70 2.97
C GLY A 131 7.72 2.67 4.02
N TRP A 132 7.40 2.17 5.22
CA TRP A 132 8.36 2.05 6.32
C TRP A 132 8.76 0.61 6.59
N GLY A 133 8.59 -0.27 5.61
CA GLY A 133 8.92 -1.67 5.81
C GLY A 133 10.38 -2.01 5.72
N LEU A 134 10.70 -3.29 5.89
CA LEU A 134 12.09 -3.76 5.83
C LEU A 134 12.85 -3.18 4.66
N THR A 135 14.08 -2.78 4.95
CA THR A 135 14.97 -2.19 3.95
C THR A 135 15.85 -3.27 3.34
N ARG A 136 15.84 -4.42 3.98
CA ARG A 136 16.62 -5.55 3.50
C ARG A 136 15.82 -6.80 3.85
N THR A 137 15.91 -7.81 3.00
CA THR A 137 15.21 -9.07 3.27
C THR A 137 15.72 -9.52 4.65
N ASN A 138 14.80 -9.77 5.58
CA ASN A 138 15.12 -10.21 6.96
C ASN A 138 15.74 -9.12 7.78
N GLY A 139 15.66 -7.88 7.28
CA GLY A 139 16.24 -6.72 7.94
C GLY A 139 15.33 -6.11 8.98
N GLN A 140 15.36 -4.78 9.08
CA GLN A 140 14.53 -4.06 10.04
C GLN A 140 13.71 -2.97 9.38
N LEU A 141 12.65 -2.51 10.04
CA LEU A 141 11.80 -1.46 9.49
C LEU A 141 12.58 -0.16 9.35
N ALA A 142 12.17 0.67 8.38
CA ALA A 142 12.80 1.96 8.16
C ALA A 142 12.18 2.92 9.16
N GLN A 143 12.97 3.89 9.59
CA GLN A 143 12.48 4.87 10.54
C GLN A 143 11.78 6.00 9.83
N THR A 144 12.31 6.38 8.68
CA THR A 144 11.76 7.45 7.86
C THR A 144 11.14 6.86 6.58
N LEU A 145 10.10 7.50 6.05
CA LEU A 145 9.45 7.03 4.84
C LEU A 145 10.47 6.90 3.72
N GLN A 146 10.49 5.71 3.09
CA GLN A 146 11.39 5.38 2.00
C GLN A 146 10.58 5.34 0.74
N GLN A 147 11.24 5.53 -0.40
CA GLN A 147 10.52 5.49 -1.66
C GLN A 147 11.42 4.81 -2.66
N ALA A 148 10.83 4.12 -3.62
CA ALA A 148 11.63 3.44 -4.63
C ALA A 148 10.93 3.47 -5.96
N TYR A 149 11.71 3.73 -7.01
CA TYR A 149 11.22 3.80 -8.38
C TYR A 149 10.93 2.38 -8.82
N LEU A 150 9.67 2.10 -9.17
CA LEU A 150 9.26 0.75 -9.54
C LEU A 150 8.38 0.76 -10.80
N PRO A 151 8.98 0.67 -12.00
CA PRO A 151 8.21 0.66 -13.25
C PRO A 151 7.28 -0.58 -13.35
N THR A 152 6.11 -0.43 -13.95
CA THR A 152 5.22 -1.56 -14.06
C THR A 152 5.73 -2.63 -15.04
N VAL A 153 5.20 -3.84 -14.86
CA VAL A 153 5.48 -5.00 -15.70
C VAL A 153 4.04 -5.44 -16.02
N ASP A 154 3.65 -5.35 -17.28
CA ASP A 154 2.28 -5.72 -17.65
C ASP A 154 1.94 -7.17 -17.36
N TYR A 155 0.65 -7.46 -17.31
CA TYR A 155 0.12 -8.79 -17.03
C TYR A 155 0.73 -9.92 -17.85
N ALA A 156 0.87 -9.71 -19.15
CA ALA A 156 1.42 -10.73 -20.04
C ALA A 156 2.82 -11.18 -19.64
N ILE A 157 3.68 -10.22 -19.35
CA ILE A 157 5.05 -10.52 -18.97
C ILE A 157 5.05 -11.06 -17.53
N CYS A 158 4.24 -10.47 -16.67
CA CYS A 158 4.20 -10.86 -15.28
C CYS A 158 3.62 -12.25 -15.01
N SER A 159 2.68 -12.66 -15.85
CA SER A 159 2.05 -13.98 -15.72
C SER A 159 2.82 -15.02 -16.52
N SER A 160 3.90 -14.60 -17.17
CA SER A 160 4.70 -15.51 -17.95
C SER A 160 5.44 -16.42 -16.98
N SER A 161 5.81 -17.59 -17.48
CA SER A 161 6.51 -18.62 -16.72
C SER A 161 7.67 -18.15 -15.88
N SER A 162 8.59 -17.42 -16.52
CA SER A 162 9.77 -16.90 -15.87
C SER A 162 9.51 -15.89 -14.75
N TYR A 163 8.30 -15.33 -14.71
CA TYR A 163 7.95 -14.37 -13.69
C TYR A 163 7.10 -15.01 -12.61
N TRP A 164 5.84 -14.60 -12.50
CA TRP A 164 4.97 -15.13 -11.47
C TRP A 164 4.05 -16.25 -11.95
N GLY A 165 3.98 -16.45 -13.26
CA GLY A 165 3.09 -17.48 -13.76
C GLY A 165 1.66 -17.22 -13.36
N SER A 166 0.95 -18.29 -13.00
CA SER A 166 -0.46 -18.22 -12.61
C SER A 166 -0.72 -17.59 -11.24
N THR A 167 0.33 -17.42 -10.43
CA THR A 167 0.19 -16.83 -9.10
C THR A 167 -0.40 -15.42 -9.21
N VAL A 168 -0.18 -14.76 -10.33
CA VAL A 168 -0.69 -13.41 -10.49
C VAL A 168 -1.91 -13.40 -11.39
N LYS A 169 -2.90 -12.59 -11.02
CA LYS A 169 -4.14 -12.47 -11.76
C LYS A 169 -4.25 -11.09 -12.38
N ASN A 170 -5.25 -10.91 -13.23
CA ASN A 170 -5.43 -9.63 -13.91
C ASN A 170 -5.93 -8.50 -13.02
N SER A 171 -6.34 -8.83 -11.79
CA SER A 171 -6.81 -7.84 -10.84
C SER A 171 -5.64 -7.39 -9.98
N MET A 172 -4.43 -7.61 -10.46
CA MET A 172 -3.23 -7.24 -9.73
C MET A 172 -2.31 -6.55 -10.71
N VAL A 173 -1.44 -5.68 -10.20
CA VAL A 173 -0.46 -5.01 -11.04
C VAL A 173 0.91 -5.34 -10.47
N CYS A 174 1.84 -5.65 -11.36
CA CYS A 174 3.20 -5.97 -10.96
C CYS A 174 4.07 -4.75 -11.23
N ALA A 175 5.04 -4.49 -10.35
CA ALA A 175 5.94 -3.36 -10.55
C ALA A 175 7.30 -3.79 -10.02
N GLY A 176 8.38 -3.44 -10.71
CA GLY A 176 9.72 -3.82 -10.24
C GLY A 176 10.29 -5.08 -10.87
N GLY A 177 10.88 -5.94 -10.05
CA GLY A 177 11.44 -7.18 -10.55
C GLY A 177 12.90 -7.13 -10.96
N ASP A 178 13.63 -6.14 -10.47
CA ASP A 178 15.05 -5.99 -10.85
C ASP A 178 16.07 -6.60 -9.92
N GLY A 179 15.61 -7.15 -8.80
CA GLY A 179 16.55 -7.73 -7.85
C GLY A 179 17.18 -6.68 -6.95
N VAL A 180 16.94 -5.38 -7.21
CA VAL A 180 17.51 -4.33 -6.38
C VAL A 180 16.47 -3.59 -5.57
N ARG A 181 15.37 -3.17 -6.19
CA ARG A 181 14.34 -2.45 -5.44
C ARG A 181 13.06 -3.27 -5.31
N SER A 182 12.33 -3.06 -4.22
CA SER A 182 11.07 -3.77 -4.01
C SER A 182 10.39 -3.38 -2.72
N GLY A 183 9.17 -3.88 -2.54
CA GLY A 183 8.43 -3.69 -1.31
C GLY A 183 8.99 -4.79 -0.40
N CYS A 184 8.70 -4.74 0.89
CA CYS A 184 9.22 -5.75 1.79
C CYS A 184 8.33 -5.69 3.02
N GLN A 185 8.41 -6.68 3.89
CA GLN A 185 7.56 -6.75 5.08
C GLN A 185 7.36 -5.42 5.78
N GLY A 186 6.11 -5.00 5.88
CA GLY A 186 5.81 -3.72 6.53
C GLY A 186 5.29 -2.69 5.56
N ASP A 187 5.44 -2.92 4.26
CA ASP A 187 4.96 -2.01 3.22
C ASP A 187 3.53 -2.39 2.76
N SER A 188 3.09 -3.58 3.15
CA SER A 188 1.75 -4.09 2.83
C SER A 188 0.71 -3.02 3.03
N GLY A 189 -0.25 -2.98 2.11
CA GLY A 189 -1.35 -2.04 2.21
C GLY A 189 -1.09 -0.63 1.74
N GLY A 190 0.16 -0.30 1.46
CA GLY A 190 0.47 1.05 1.04
C GLY A 190 0.26 1.28 -0.43
N PRO A 191 0.46 2.51 -0.89
CA PRO A 191 0.30 2.88 -2.29
C PRO A 191 1.45 2.63 -3.27
N LEU A 192 1.05 2.49 -4.53
CA LEU A 192 1.97 2.38 -5.65
C LEU A 192 1.46 3.64 -6.36
N HIS A 193 2.29 4.69 -6.38
CA HIS A 193 1.89 5.96 -6.99
C HIS A 193 2.38 5.97 -8.40
N CYS A 194 1.46 6.05 -9.35
CA CYS A 194 1.84 6.08 -10.77
C CYS A 194 1.47 7.42 -11.42
N LEU A 195 2.36 7.93 -12.27
CA LEU A 195 2.17 9.20 -12.97
C LEU A 195 1.42 9.01 -14.28
N VAL A 196 0.22 9.59 -14.34
CA VAL A 196 -0.65 9.49 -15.51
C VAL A 196 -1.19 10.88 -15.78
N ASN A 197 -0.85 11.39 -16.96
CA ASN A 197 -1.26 12.75 -17.37
C ASN A 197 -0.84 13.81 -16.37
N GLY A 198 0.45 13.80 -16.05
CA GLY A 198 1.02 14.77 -15.15
C GLY A 198 0.60 14.74 -13.70
N GLN A 199 -0.18 13.75 -13.31
CA GLN A 199 -0.67 13.65 -11.94
C GLN A 199 -0.41 12.25 -11.39
N TYR A 200 0.01 12.17 -10.12
CA TYR A 200 0.24 10.89 -9.48
C TYR A 200 -1.09 10.37 -8.92
N ALA A 201 -1.43 9.14 -9.30
CA ALA A 201 -2.64 8.50 -8.82
C ALA A 201 -2.21 7.15 -8.26
N VAL A 202 -2.92 6.69 -7.25
CA VAL A 202 -2.62 5.42 -6.57
C VAL A 202 -3.25 4.27 -7.35
N HIS A 203 -2.41 3.50 -8.03
CA HIS A 203 -2.89 2.38 -8.82
C HIS A 203 -2.79 1.00 -8.18
N GLY A 204 -2.07 0.88 -7.07
CA GLY A 204 -1.95 -0.42 -6.42
C GLY A 204 -1.87 -0.35 -4.91
N VAL A 205 -2.31 -1.41 -4.24
CA VAL A 205 -2.25 -1.54 -2.80
C VAL A 205 -1.23 -2.68 -2.67
N THR A 206 -0.13 -2.44 -1.96
CA THR A 206 0.92 -3.46 -1.85
C THR A 206 0.41 -4.75 -1.22
N SER A 207 0.64 -5.85 -1.92
CA SER A 207 0.14 -7.13 -1.46
C SER A 207 1.18 -8.16 -1.10
N PHE A 208 1.99 -8.62 -2.06
CA PHE A 208 2.95 -9.65 -1.75
C PHE A 208 4.23 -9.65 -2.54
N VAL A 209 5.20 -10.41 -2.01
CA VAL A 209 6.50 -10.59 -2.64
C VAL A 209 6.78 -12.11 -2.66
N SER A 210 7.94 -12.47 -3.18
CA SER A 210 8.35 -13.85 -3.26
C SER A 210 8.68 -14.40 -1.88
N ARG A 211 8.49 -15.69 -1.71
CA ARG A 211 8.79 -16.33 -0.44
C ARG A 211 10.30 -16.41 -0.24
N LEU A 212 11.04 -16.28 -1.33
CA LEU A 212 12.50 -16.31 -1.30
C LEU A 212 13.11 -15.02 -0.78
N GLY A 213 12.36 -13.93 -0.84
CA GLY A 213 12.88 -12.67 -0.40
C GLY A 213 12.15 -11.53 -1.08
N CYS A 214 12.41 -10.32 -0.62
CA CYS A 214 11.77 -9.12 -1.16
C CYS A 214 12.26 -8.73 -2.54
N ASN A 215 13.57 -8.48 -2.66
CA ASN A 215 14.16 -8.10 -3.93
C ASN A 215 14.70 -9.32 -4.68
N VAL A 216 13.82 -9.94 -5.46
CA VAL A 216 14.18 -11.10 -6.26
C VAL A 216 14.02 -10.77 -7.75
N THR A 217 15.08 -10.98 -8.52
CA THR A 217 15.07 -10.71 -9.96
C THR A 217 13.93 -11.53 -10.58
N ARG A 218 13.12 -10.86 -11.39
CA ARG A 218 11.97 -11.46 -12.06
C ARG A 218 10.77 -11.82 -11.19
N LYS A 219 10.73 -11.30 -9.96
CA LYS A 219 9.58 -11.52 -9.07
C LYS A 219 9.16 -10.15 -8.58
N PRO A 220 8.63 -9.32 -9.49
CA PRO A 220 8.19 -7.97 -9.13
C PRO A 220 7.32 -7.99 -7.91
N THR A 221 7.25 -6.86 -7.22
CA THR A 221 6.40 -6.73 -6.05
C THR A 221 4.98 -6.74 -6.65
N VAL A 222 4.03 -7.37 -5.96
CA VAL A 222 2.69 -7.47 -6.48
C VAL A 222 1.69 -6.66 -5.69
N PHE A 223 0.86 -5.93 -6.42
CA PHE A 223 -0.12 -5.06 -5.85
C PHE A 223 -1.52 -5.42 -6.34
N THR A 224 -2.52 -5.05 -5.56
CA THR A 224 -3.92 -5.23 -5.90
C THR A 224 -4.20 -4.05 -6.83
N ARG A 225 -4.83 -4.30 -7.97
CA ARG A 225 -5.17 -3.26 -8.94
C ARG A 225 -6.39 -2.45 -8.47
N VAL A 226 -6.12 -1.26 -7.93
CA VAL A 226 -7.19 -0.40 -7.43
C VAL A 226 -8.28 -0.11 -8.46
N SER A 227 -7.91 0.00 -9.72
CA SER A 227 -8.89 0.30 -10.75
C SER A 227 -9.90 -0.82 -10.97
N ALA A 228 -9.60 -2.00 -10.44
CA ALA A 228 -10.52 -3.13 -10.56
C ALA A 228 -11.60 -3.06 -9.47
N TYR A 229 -11.38 -2.22 -8.46
CA TYR A 229 -12.32 -2.12 -7.33
C TYR A 229 -12.99 -0.78 -7.07
N ILE A 230 -12.96 0.11 -8.06
CA ILE A 230 -13.55 1.46 -7.90
C ILE A 230 -15.04 1.47 -7.49
N SER A 231 -15.83 0.57 -8.07
CA SER A 231 -17.25 0.48 -7.74
C SER A 231 -17.50 -0.10 -6.35
N TRP A 232 -16.66 -1.06 -5.95
CA TRP A 232 -16.81 -1.68 -4.65
C TRP A 232 -16.52 -0.61 -3.59
N ILE A 233 -15.42 0.13 -3.82
CA ILE A 233 -14.98 1.21 -2.93
C ILE A 233 -16.08 2.27 -2.74
N ASN A 234 -16.57 2.82 -3.85
CA ASN A 234 -17.61 3.82 -3.75
C ASN A 234 -18.87 3.24 -3.11
N ASN A 235 -19.13 1.95 -3.35
CA ASN A 235 -20.30 1.28 -2.78
C ASN A 235 -20.22 1.15 -1.27
N VAL A 236 -19.01 0.94 -0.75
CA VAL A 236 -18.80 0.85 0.69
C VAL A 236 -18.92 2.22 1.36
N ILE A 237 -18.25 3.22 0.81
CA ILE A 237 -18.32 4.56 1.40
C ILE A 237 -19.73 5.13 1.34
N ALA A 238 -20.46 4.80 0.28
CA ALA A 238 -21.82 5.30 0.11
C ALA A 238 -22.81 4.67 1.08
N SER A 239 -22.53 3.46 1.55
CA SER A 239 -23.45 2.79 2.45
C SER A 239 -22.99 2.70 3.91
N ASN A 240 -21.85 3.30 4.24
CA ASN A 240 -21.34 3.27 5.60
C ASN A 240 -21.09 4.67 6.11
#